data_7KIL
#
_entry.id   7KIL
#
_cell.length_a   34.284
_cell.length_b   58.554
_cell.length_c   42.897
_cell.angle_alpha   90.000
_cell.angle_beta   100.060
_cell.angle_gamma   90.000
#
_symmetry.space_group_name_H-M   'P 1 21 1'
#
loop_
_entity.id
_entity.type
_entity.pdbx_description
1 polymer 'Isoform 2 of Phosphatidate phosphatase LPIN1'
2 non-polymer 'ZINC ION'
3 non-polymer 'CHLORIDE ION'
4 water water
#
_entity_poly.entity_id   1
_entity_poly.type   'polypeptide(L)'
_entity_poly.pdbx_seq_one_letter_code
;SLRDLPSIAISLCGGLSDHREITKDAFLEQAVSYQQFADNPAIIDDPNLVVKVGNKYYNWTTAAPLLLAMQAFQKPLPKA
TVESIMRDKMP
;
_entity_poly.pdbx_strand_id   A,B
#
loop_
_chem_comp.id
_chem_comp.type
_chem_comp.name
_chem_comp.formula
CL non-polymer 'CHLORIDE ION' 'Cl -1'
ZN non-polymer 'ZINC ION' 'Zn 2'
#
# COMPACT_ATOMS: atom_id res chain seq x y z
N ASP A 4 13.49 -9.94 -6.79
CA ASP A 4 14.08 -9.77 -5.47
C ASP A 4 13.04 -9.56 -4.36
N LEU A 5 12.05 -8.70 -4.60
CA LEU A 5 11.02 -8.43 -3.60
C LEU A 5 10.17 -9.67 -3.32
N PRO A 6 9.69 -9.81 -2.08
CA PRO A 6 8.87 -10.99 -1.76
C PRO A 6 7.49 -10.94 -2.43
N SER A 7 6.87 -12.12 -2.57
CA SER A 7 5.58 -12.20 -3.23
C SER A 7 4.46 -11.74 -2.29
N ILE A 8 3.41 -11.18 -2.88
CA ILE A 8 2.25 -10.74 -2.13
C ILE A 8 1.00 -11.35 -2.75
N ALA A 9 0.08 -11.77 -1.89
CA ALA A 9 -1.22 -12.26 -2.29
C ALA A 9 -2.20 -11.70 -1.28
N ILE A 10 -3.46 -11.62 -1.68
CA ILE A 10 -4.48 -11.11 -0.77
C ILE A 10 -5.66 -12.06 -0.81
N SER A 11 -6.38 -12.12 0.31
CA SER A 11 -7.51 -13.01 0.45
C SER A 11 -8.50 -12.33 1.39
N LEU A 12 -9.76 -12.75 1.28
CA LEU A 12 -10.82 -12.28 2.16
C LEU A 12 -11.20 -13.36 3.17
N CYS A 13 -10.25 -14.25 3.49
CA CYS A 13 -10.53 -15.32 4.43
C CYS A 13 -10.72 -14.80 5.85
N GLY A 14 -10.14 -13.65 6.17
CA GLY A 14 -10.27 -13.12 7.52
C GLY A 14 -9.59 -14.03 8.54
N GLY A 15 -9.92 -13.78 9.81
CA GLY A 15 -9.46 -14.62 10.90
C GLY A 15 -8.33 -14.05 11.73
N LEU A 16 -7.60 -13.06 11.22
CA LEU A 16 -6.48 -12.51 11.99
C LEU A 16 -6.98 -11.81 13.24
N SER A 17 -8.05 -11.03 13.14
CA SER A 17 -8.48 -10.24 14.28
C SER A 17 -9.16 -11.10 15.34
N ASP A 18 -9.56 -12.32 15.00
CA ASP A 18 -9.92 -13.30 16.02
C ASP A 18 -8.74 -14.19 16.40
N HIS A 19 -7.57 -13.91 15.86
CA HIS A 19 -6.38 -14.69 16.18
C HIS A 19 -6.46 -16.14 15.75
N ARG A 20 -7.30 -16.45 14.77
CA ARG A 20 -7.34 -17.78 14.19
C ARG A 20 -6.14 -18.01 13.29
N GLU A 21 -5.67 -19.25 13.20
CA GLU A 21 -4.54 -19.53 12.34
C GLU A 21 -5.01 -19.47 10.88
N ILE A 22 -4.24 -18.77 10.07
CA ILE A 22 -4.50 -18.63 8.64
C ILE A 22 -3.97 -19.90 8.00
N THR A 23 -4.86 -20.72 7.47
CA THR A 23 -4.49 -21.95 6.80
C THR A 23 -4.34 -21.70 5.31
N LYS A 24 -3.41 -22.42 4.67
CA LYS A 24 -3.22 -22.26 3.24
C LYS A 24 -4.54 -22.43 2.50
N ASP A 25 -5.31 -23.45 2.87
CA ASP A 25 -6.57 -23.71 2.18
C ASP A 25 -7.54 -22.55 2.34
N ALA A 26 -7.71 -22.06 3.58
CA ALA A 26 -8.65 -20.97 3.80
C ALA A 26 -8.21 -19.71 3.06
N PHE A 27 -6.91 -19.40 3.11
CA PHE A 27 -6.40 -18.25 2.38
C PHE A 27 -6.67 -18.38 0.88
N LEU A 28 -6.29 -19.51 0.29
CA LEU A 28 -6.38 -19.63 -1.16
C LEU A 28 -7.83 -19.72 -1.64
N GLU A 29 -8.69 -20.41 -0.92
CA GLU A 29 -10.07 -20.52 -1.36
C GLU A 29 -10.77 -19.16 -1.49
N GLN A 30 -10.34 -18.16 -0.74
CA GLN A 30 -10.95 -16.84 -0.82
C GLN A 30 -9.94 -15.80 -1.29
N ALA A 31 -8.92 -16.25 -2.03
CA ALA A 31 -7.93 -15.35 -2.59
C ALA A 31 -8.60 -14.36 -3.54
N VAL A 32 -8.07 -13.14 -3.57
CA VAL A 32 -8.58 -12.07 -4.43
C VAL A 32 -7.78 -12.08 -5.72
N SER A 33 -8.47 -12.20 -6.84
CA SER A 33 -7.83 -12.20 -8.14
C SER A 33 -7.70 -10.79 -8.70
N TYR A 34 -6.91 -10.66 -9.77
CA TYR A 34 -6.69 -9.36 -10.38
C TYR A 34 -8.00 -8.74 -10.82
N GLN A 35 -8.81 -9.48 -11.57
CA GLN A 35 -10.06 -8.91 -12.02
C GLN A 35 -11.01 -8.61 -10.87
N GLN A 36 -10.96 -9.41 -9.80
CA GLN A 36 -11.80 -9.11 -8.65
C GLN A 36 -11.37 -7.81 -7.99
N PHE A 37 -10.06 -7.60 -7.82
CA PHE A 37 -9.58 -6.35 -7.24
C PHE A 37 -9.80 -5.18 -8.19
N ALA A 38 -9.66 -5.41 -9.49
CA ALA A 38 -9.88 -4.36 -10.47
C ALA A 38 -11.34 -3.94 -10.51
N ASP A 39 -12.26 -4.88 -10.26
CA ASP A 39 -13.68 -4.56 -10.23
C ASP A 39 -14.11 -3.95 -8.90
N ASN A 40 -13.36 -4.20 -7.83
CA ASN A 40 -13.71 -3.73 -6.50
C ASN A 40 -12.43 -3.34 -5.77
N PRO A 41 -11.86 -2.20 -6.11
CA PRO A 41 -10.64 -1.76 -5.39
C PRO A 41 -10.91 -1.38 -3.94
N ALA A 42 -12.17 -1.18 -3.56
CA ALA A 42 -12.51 -0.94 -2.16
C ALA A 42 -12.26 -2.17 -1.28
N ILE A 43 -12.04 -3.33 -1.89
CA ILE A 43 -11.64 -4.52 -1.15
C ILE A 43 -10.48 -4.22 -0.21
N ILE A 44 -9.66 -3.23 -0.56
CA ILE A 44 -8.51 -2.90 0.26
C ILE A 44 -8.94 -2.48 1.66
N ASP A 45 -10.18 -2.00 1.81
CA ASP A 45 -10.71 -1.63 3.11
C ASP A 45 -11.58 -2.70 3.74
N ASP A 46 -11.73 -3.85 3.09
CA ASP A 46 -12.55 -4.92 3.64
C ASP A 46 -11.98 -5.38 4.97
N PRO A 47 -12.84 -5.53 5.99
CA PRO A 47 -12.32 -5.95 7.30
C PRO A 47 -11.68 -7.32 7.29
N ASN A 48 -12.04 -8.17 6.33
CA ASN A 48 -11.55 -9.54 6.27
C ASN A 48 -10.34 -9.70 5.39
N LEU A 49 -9.80 -8.61 4.87
CA LEU A 49 -8.65 -8.68 3.98
C LEU A 49 -7.43 -9.15 4.76
N VAL A 50 -6.77 -10.19 4.25
CA VAL A 50 -5.51 -10.67 4.78
C VAL A 50 -4.47 -10.56 3.66
N VAL A 51 -3.31 -10.00 3.99
CA VAL A 51 -2.24 -9.82 3.02
C VAL A 51 -1.09 -10.76 3.37
N LYS A 52 -0.75 -11.65 2.44
CA LYS A 52 0.42 -12.50 2.58
C LYS A 52 1.62 -11.77 1.99
N VAL A 53 2.67 -11.59 2.79
CA VAL A 53 3.93 -11.01 2.32
C VAL A 53 5.00 -12.06 2.58
N GLY A 54 5.50 -12.67 1.52
CA GLY A 54 6.41 -13.79 1.70
C GLY A 54 5.69 -14.92 2.42
N ASN A 55 6.16 -15.23 3.63
CA ASN A 55 5.62 -16.35 4.39
C ASN A 55 4.59 -15.94 5.43
N LYS A 56 4.47 -14.65 5.68
CA LYS A 56 3.64 -14.16 6.77
C LYS A 56 2.34 -13.50 6.37
N TYR A 57 1.40 -13.48 7.31
CA TYR A 57 0.06 -12.98 7.05
C TYR A 57 -0.17 -11.72 7.88
N TYR A 58 -0.66 -10.67 7.22
CA TYR A 58 -0.88 -9.38 7.85
C TYR A 58 -2.29 -8.89 7.55
N ASN A 59 -2.77 -7.96 8.38
CA ASN A 59 -3.90 -7.14 8.00
C ASN A 59 -3.42 -5.97 7.16
N TRP A 60 -4.36 -5.25 6.54
CA TRP A 60 -3.98 -4.20 5.60
C TRP A 60 -3.22 -3.08 6.29
N THR A 61 -3.59 -2.76 7.53
CA THR A 61 -2.95 -1.65 8.21
C THR A 61 -1.47 -1.96 8.47
N THR A 62 -1.15 -3.21 8.77
CA THR A 62 0.25 -3.58 8.94
C THR A 62 0.95 -3.65 7.58
N ALA A 63 0.28 -4.20 6.58
CA ALA A 63 0.92 -4.41 5.28
C ALA A 63 1.18 -3.09 4.55
N ALA A 64 0.40 -2.06 4.84
CA ALA A 64 0.49 -0.83 4.05
C ALA A 64 1.89 -0.23 4.04
N PRO A 65 2.55 0.01 5.18
CA PRO A 65 3.91 0.56 5.10
C PRO A 65 4.90 -0.38 4.44
N LEU A 66 4.79 -1.69 4.71
CA LEU A 66 5.63 -2.65 4.00
C LEU A 66 5.47 -2.48 2.49
N LEU A 67 4.23 -2.44 2.03
CA LEU A 67 3.97 -2.29 0.60
C LEU A 67 4.51 -0.97 0.03
N LEU A 68 4.32 0.14 0.74
CA LEU A 68 4.84 1.41 0.28
C LEU A 68 6.37 1.42 0.20
N ALA A 69 7.07 0.87 1.19
CA ALA A 69 8.53 0.83 1.18
C ALA A 69 9.05 0.00 0.01
N MET A 70 8.43 -1.16 -0.24
CA MET A 70 8.86 -2.00 -1.34
C MET A 70 8.69 -1.32 -2.69
N GLN A 71 7.54 -0.70 -2.93
CA GLN A 71 7.31 -0.01 -4.19
C GLN A 71 8.16 1.26 -4.37
N ALA A 72 8.18 2.12 -3.36
CA ALA A 72 8.90 3.38 -3.44
C ALA A 72 10.42 3.27 -3.34
N PHE A 73 10.91 2.31 -2.59
CA PHE A 73 12.34 2.14 -2.39
C PHE A 73 12.88 0.85 -2.99
N GLN A 74 12.00 0.01 -3.50
CA GLN A 74 12.42 -1.23 -4.16
C GLN A 74 13.17 -2.20 -3.24
N LYS A 75 12.88 -2.10 -1.95
CA LYS A 75 13.46 -2.99 -0.95
C LYS A 75 12.48 -3.07 0.22
N PRO A 76 12.43 -4.23 0.89
CA PRO A 76 11.55 -4.29 2.07
C PRO A 76 12.15 -3.52 3.24
N LEU A 77 11.27 -3.14 4.16
CA LEU A 77 11.72 -2.49 5.38
C LEU A 77 12.57 -3.44 6.19
N PRO A 78 13.41 -2.94 7.09
CA PRO A 78 14.20 -3.83 7.93
C PRO A 78 13.30 -4.69 8.81
N LYS A 79 13.79 -5.87 9.18
CA LYS A 79 12.99 -6.81 9.94
C LYS A 79 12.57 -6.22 11.29
N ALA A 80 13.47 -5.50 11.96
CA ALA A 80 13.12 -4.89 13.23
C ALA A 80 12.03 -3.83 13.06
N THR A 81 12.02 -3.14 11.91
CA THR A 81 10.96 -2.18 11.64
C THR A 81 9.62 -2.89 11.47
N VAL A 82 9.60 -4.00 10.73
CA VAL A 82 8.35 -4.71 10.49
C VAL A 82 7.79 -5.23 11.80
N GLU A 83 8.67 -5.73 12.68
CA GLU A 83 8.23 -6.19 13.99
C GLU A 83 7.53 -5.09 14.78
N SER A 84 8.06 -3.86 14.73
CA SER A 84 7.43 -2.76 15.45
C SER A 84 6.09 -2.37 14.82
N ILE A 85 6.00 -2.41 13.49
CA ILE A 85 4.73 -2.12 12.83
C ILE A 85 3.68 -3.14 13.27
N MET A 86 4.09 -4.40 13.35
CA MET A 86 3.19 -5.46 13.76
C MET A 86 2.66 -5.19 15.17
N ARG A 87 3.55 -4.81 16.08
CA ARG A 87 3.13 -4.50 17.44
C ARG A 87 2.10 -3.38 17.45
N ASP A 88 2.27 -2.38 16.58
CA ASP A 88 1.37 -1.24 16.56
C ASP A 88 0.05 -1.54 15.86
N LYS A 89 0.10 -2.32 14.77
CA LYS A 89 -1.03 -2.40 13.85
C LYS A 89 -1.69 -3.79 13.74
N MET A 90 -1.03 -4.86 14.12
CA MET A 90 -1.69 -6.15 14.00
C MET A 90 -2.80 -6.26 15.04
N PRO A 91 -3.92 -6.88 14.70
CA PRO A 91 -5.08 -7.00 15.60
C PRO A 91 -4.83 -7.93 16.80
N PRO B 6 6.55 2.08 -13.43
CA PRO B 6 6.70 3.53 -13.24
C PRO B 6 7.62 3.84 -12.07
N SER B 7 8.35 4.96 -12.14
CA SER B 7 9.13 5.42 -11.00
C SER B 7 8.18 5.79 -9.86
N ILE B 8 8.54 5.41 -8.63
CA ILE B 8 7.68 5.70 -7.48
C ILE B 8 8.49 6.31 -6.35
N ALA B 9 7.98 7.39 -5.76
CA ALA B 9 8.65 8.04 -4.66
C ALA B 9 7.60 8.64 -3.73
N ILE B 10 8.02 9.01 -2.53
CA ILE B 10 7.14 9.67 -1.58
C ILE B 10 7.79 10.94 -1.03
N SER B 11 6.94 11.90 -0.69
CA SER B 11 7.37 13.20 -0.20
C SER B 11 6.32 13.73 0.75
N LEU B 12 6.73 14.69 1.60
CA LEU B 12 5.85 15.36 2.53
C LEU B 12 5.54 16.80 2.12
N CYS B 13 5.63 17.05 0.83
CA CYS B 13 5.38 18.37 0.30
C CYS B 13 3.94 18.84 0.51
N GLY B 14 2.98 17.92 0.50
CA GLY B 14 1.59 18.33 0.54
C GLY B 14 1.14 18.97 -0.75
N GLY B 15 0.01 19.67 -0.67
CA GLY B 15 -0.53 20.41 -1.79
C GLY B 15 -1.70 19.73 -2.48
N LEU B 16 -1.89 18.43 -2.26
CA LEU B 16 -2.99 17.73 -2.90
C LEU B 16 -4.34 18.20 -2.37
N SER B 17 -4.47 18.41 -1.05
CA SER B 17 -5.78 18.75 -0.52
C SER B 17 -6.20 20.18 -0.84
N ASP B 18 -5.24 20.98 -1.28
CA ASP B 18 -5.51 22.33 -1.74
C ASP B 18 -5.58 22.32 -3.28
N HIS B 19 -5.44 21.13 -3.87
CA HIS B 19 -5.44 20.97 -5.31
C HIS B 19 -4.30 21.75 -5.94
N ARG B 20 -3.23 21.94 -5.17
CA ARG B 20 -2.02 22.55 -5.70
C ARG B 20 -1.32 21.60 -6.65
N GLU B 21 -0.74 22.17 -7.70
CA GLU B 21 0.00 21.37 -8.67
C GLU B 21 1.32 20.99 -8.00
N ILE B 22 1.68 19.72 -8.09
CA ILE B 22 2.92 19.27 -7.47
C ILE B 22 4.07 19.47 -8.45
N THR B 23 5.02 20.32 -8.08
CA THR B 23 6.20 20.56 -8.90
C THR B 23 7.32 19.64 -8.45
N LYS B 24 8.16 19.24 -9.41
CA LYS B 24 9.30 18.39 -9.10
C LYS B 24 10.13 18.99 -7.97
N ASP B 25 10.40 20.28 -8.04
CA ASP B 25 11.22 20.90 -7.02
C ASP B 25 10.63 20.77 -5.62
N ALA B 26 9.36 21.10 -5.47
CA ALA B 26 8.74 21.01 -4.15
C ALA B 26 8.72 19.57 -3.66
N PHE B 27 8.43 18.62 -4.57
CA PHE B 27 8.44 17.21 -4.20
C PHE B 27 9.80 16.80 -3.65
N LEU B 28 10.88 17.14 -4.37
CA LEU B 28 12.20 16.68 -3.97
C LEU B 28 12.66 17.33 -2.67
N GLU B 29 12.27 18.58 -2.42
CA GLU B 29 12.71 19.27 -1.21
C GLU B 29 12.27 18.51 0.04
N GLN B 30 11.17 17.76 -0.03
CA GLN B 30 10.64 17.04 1.12
C GLN B 30 10.48 15.56 0.83
N ALA B 31 11.32 15.02 -0.05
CA ALA B 31 11.27 13.58 -0.33
C ALA B 31 11.64 12.78 0.92
N VAL B 32 10.97 11.64 1.08
CA VAL B 32 11.20 10.76 2.21
C VAL B 32 12.20 9.69 1.79
N SER B 33 13.28 9.54 2.56
CA SER B 33 14.27 8.52 2.25
C SER B 33 13.87 7.21 2.95
N TYR B 34 14.54 6.12 2.55
CA TYR B 34 14.23 4.81 3.08
C TYR B 34 14.42 4.74 4.60
N GLN B 35 15.59 5.16 5.06
CA GLN B 35 15.88 5.11 6.49
C GLN B 35 14.89 5.97 7.27
N GLN B 36 14.53 7.12 6.69
CA GLN B 36 13.60 8.03 7.33
C GLN B 36 12.24 7.36 7.54
N PHE B 37 11.75 6.68 6.49
CA PHE B 37 10.49 5.95 6.59
C PHE B 37 10.62 4.75 7.52
N ALA B 38 11.78 4.09 7.51
CA ALA B 38 12.01 2.95 8.39
C ALA B 38 12.06 3.38 9.84
N ASP B 39 12.56 4.58 10.12
CA ASP B 39 12.63 5.11 11.48
C ASP B 39 11.28 5.61 11.97
N ASN B 40 10.39 5.97 11.05
CA ASN B 40 9.06 6.50 11.40
C ASN B 40 8.06 6.02 10.37
N PRO B 41 7.65 4.74 10.44
CA PRO B 41 6.71 4.23 9.44
C PRO B 41 5.33 4.87 9.53
N ALA B 42 5.00 5.55 10.62
CA ALA B 42 3.74 6.29 10.70
C ALA B 42 3.65 7.43 9.68
N ILE B 43 4.77 7.79 9.04
CA ILE B 43 4.74 8.76 7.95
C ILE B 43 3.66 8.41 6.94
N ILE B 44 3.31 7.12 6.82
CA ILE B 44 2.30 6.69 5.86
C ILE B 44 0.96 7.37 6.12
N ASP B 45 0.71 7.83 7.34
CA ASP B 45 -0.55 8.47 7.67
C ASP B 45 -0.48 10.00 7.65
N ASP B 46 0.68 10.57 7.37
CA ASP B 46 0.79 12.02 7.34
C ASP B 46 -0.13 12.62 6.29
N PRO B 47 -0.89 13.67 6.66
CA PRO B 47 -1.78 14.28 5.67
C PRO B 47 -1.03 14.89 4.50
N ASN B 48 0.26 15.18 4.66
CA ASN B 48 1.05 15.82 3.63
C ASN B 48 1.79 14.83 2.75
N LEU B 49 1.60 13.53 2.98
CA LEU B 49 2.29 12.53 2.18
C LEU B 49 1.74 12.56 0.76
N VAL B 50 2.65 12.69 -0.19
CA VAL B 50 2.34 12.62 -1.62
C VAL B 50 3.11 11.45 -2.20
N VAL B 51 2.44 10.64 -3.00
CA VAL B 51 3.06 9.48 -3.66
C VAL B 51 3.17 9.82 -5.13
N LYS B 52 4.39 9.83 -5.64
CA LYS B 52 4.64 9.98 -7.07
C LYS B 52 4.59 8.60 -7.70
N VAL B 53 3.72 8.43 -8.69
CA VAL B 53 3.64 7.21 -9.49
C VAL B 53 3.78 7.63 -10.94
N GLY B 54 4.94 7.36 -11.54
CA GLY B 54 5.23 7.85 -12.87
C GLY B 54 5.24 9.36 -12.89
N ASN B 55 4.33 9.95 -13.66
CA ASN B 55 4.24 11.39 -13.83
C ASN B 55 3.19 12.03 -12.94
N LYS B 56 2.41 11.23 -12.22
CA LYS B 56 1.29 11.70 -11.43
C LYS B 56 1.59 11.62 -9.95
N TYR B 57 0.84 12.42 -9.19
CA TYR B 57 0.98 12.53 -7.75
C TYR B 57 -0.33 12.16 -7.10
N TYR B 58 -0.26 11.28 -6.11
CA TYR B 58 -1.46 10.78 -5.46
C TYR B 58 -1.34 10.96 -3.95
N ASN B 59 -2.48 10.97 -3.28
CA ASN B 59 -2.48 10.78 -1.84
C ASN B 59 -2.39 9.27 -1.57
N TRP B 60 -2.10 8.91 -0.32
CA TRP B 60 -1.88 7.50 -0.03
C TRP B 60 -3.14 6.68 -0.29
N THR B 61 -4.31 7.25 -0.04
CA THR B 61 -5.56 6.50 -0.21
C THR B 61 -5.77 6.12 -1.67
N THR B 62 -5.40 6.99 -2.59
CA THR B 62 -5.48 6.65 -4.01
C THR B 62 -4.36 5.69 -4.43
N ALA B 63 -3.13 5.92 -3.95
CA ALA B 63 -2.00 5.13 -4.40
C ALA B 63 -2.03 3.71 -3.88
N ALA B 64 -2.65 3.49 -2.72
CA ALA B 64 -2.59 2.18 -2.09
C ALA B 64 -3.11 1.06 -2.99
N PRO B 65 -4.32 1.15 -3.55
CA PRO B 65 -4.76 0.07 -4.44
C PRO B 65 -3.93 -0.03 -5.71
N LEU B 66 -3.53 1.11 -6.27
CA LEU B 66 -2.64 1.11 -7.43
C LEU B 66 -1.37 0.33 -7.11
N LEU B 67 -0.76 0.62 -5.96
CA LEU B 67 0.48 -0.03 -5.56
C LEU B 67 0.24 -1.50 -5.21
N LEU B 68 -0.81 -1.79 -4.43
CA LEU B 68 -1.08 -3.15 -4.02
C LEU B 68 -1.24 -4.05 -5.25
N ALA B 69 -1.90 -3.54 -6.28
CA ALA B 69 -2.14 -4.34 -7.49
C ALA B 69 -0.83 -4.63 -8.21
N MET B 70 0.02 -3.62 -8.36
CA MET B 70 1.29 -3.82 -9.06
C MET B 70 2.12 -4.90 -8.38
N GLN B 71 2.22 -4.88 -7.05
CA GLN B 71 3.05 -5.90 -6.42
C GLN B 71 2.35 -7.25 -6.31
N ALA B 72 1.04 -7.27 -6.03
CA ALA B 72 0.36 -8.53 -5.82
C ALA B 72 0.15 -9.27 -7.14
N PHE B 73 -0.13 -8.54 -8.22
CA PHE B 73 -0.42 -9.15 -9.51
C PHE B 73 0.63 -8.85 -10.56
N GLN B 74 1.66 -8.07 -10.24
CA GLN B 74 2.75 -7.80 -11.16
C GLN B 74 2.27 -7.10 -12.43
N LYS B 75 1.19 -6.33 -12.32
CA LYS B 75 0.74 -5.51 -13.43
C LYS B 75 -0.16 -4.40 -12.88
N PRO B 76 -0.22 -3.25 -13.55
CA PRO B 76 -1.08 -2.17 -13.06
C PRO B 76 -2.55 -2.48 -13.29
N LEU B 77 -3.39 -1.79 -12.52
CA LEU B 77 -4.82 -1.88 -12.68
C LEU B 77 -5.26 -1.30 -14.01
N PRO B 78 -6.46 -1.64 -14.48
CA PRO B 78 -6.96 -1.05 -15.72
C PRO B 78 -7.14 0.46 -15.62
N LYS B 79 -7.08 1.11 -16.79
CA LYS B 79 -7.22 2.56 -16.86
C LYS B 79 -8.54 3.03 -16.31
N ALA B 80 -9.63 2.32 -16.62
CA ALA B 80 -10.94 2.69 -16.09
C ALA B 80 -10.99 2.53 -14.57
N THR B 81 -10.26 1.56 -14.01
CA THR B 81 -10.23 1.42 -12.56
C THR B 81 -9.53 2.60 -11.90
N VAL B 82 -8.40 3.04 -12.46
CA VAL B 82 -7.66 4.15 -11.87
C VAL B 82 -8.47 5.42 -11.89
N GLU B 83 -9.20 5.64 -12.96
CA GLU B 83 -10.05 6.81 -13.06
C GLU B 83 -11.09 6.79 -11.95
N SER B 84 -11.64 5.61 -11.69
CA SER B 84 -12.67 5.46 -10.66
C SER B 84 -12.08 5.66 -9.27
N ILE B 85 -10.88 5.15 -9.03
CA ILE B 85 -10.24 5.32 -7.72
C ILE B 85 -9.95 6.79 -7.48
N MET B 86 -9.41 7.49 -8.47
CA MET B 86 -9.14 8.91 -8.29
C MET B 86 -10.44 9.67 -8.04
N ARG B 87 -11.49 9.32 -8.78
CA ARG B 87 -12.80 9.93 -8.57
C ARG B 87 -13.29 9.71 -7.14
N ASP B 88 -13.06 8.52 -6.60
CA ASP B 88 -13.55 8.19 -5.27
C ASP B 88 -12.63 8.71 -4.16
N LYS B 89 -11.32 8.70 -4.39
CA LYS B 89 -10.36 8.80 -3.31
C LYS B 89 -9.50 10.07 -3.30
N MET B 90 -9.33 10.73 -4.43
CA MET B 90 -8.46 11.91 -4.46
C MET B 90 -9.13 13.07 -3.72
N PRO B 91 -8.32 13.94 -3.11
CA PRO B 91 -8.88 15.07 -2.34
C PRO B 91 -9.65 16.04 -3.23
ZN ZN C . -15.89 -8.71 2.76
ZN ZN D . 3.71 2.73 14.68
ZN ZN E . 13.90 -8.97 15.63
ZN ZN F . -14.59 -12.23 14.97
ZN ZN G . -5.72 -9.11 19.32
CL CL H . -15.20 -10.56 3.33
CL CL I . -16.80 -7.74 4.58
CL CL J . -17.04 -8.90 1.08
CL CL K . -13.48 -15.21 8.61
CL CL L . -7.63 -8.89 20.13
CL CL M . -4.22 -8.79 20.33
ZN ZN N . 3.26 16.07 8.73
ZN ZN O . -14.03 3.16 -5.05
ZN ZN P . -10.67 6.76 -19.75
CL CL Q . 4.32 17.14 7.06
CL CL R . -15.08 3.67 -3.19
CL CL S . -11.88 3.23 -4.76
CL CL T . -9.04 7.83 -21.28
CL CL U . -12.45 8.06 -20.06
#